data_5TIU
#
_entry.id   5TIU
#
_cell.length_a   39.770
_cell.length_b   85.470
_cell.length_c   89.440
_cell.angle_alpha   90.00
_cell.angle_beta   90.00
_cell.angle_gamma   90.00
#
_symmetry.space_group_name_H-M   'P 21 21 21'
#
loop_
_entity.id
_entity.type
_entity.pdbx_description
1 polymer 'Tyrosine-protein kinase SYK'
2 non-polymer 5-{[(2S)-2-aminopropyl]amino}-3-(1H-indol-2-yl)pyrazine-2-carboxamide
3 water water
#
_entity_poly.entity_id   1
_entity_poly.type   'polypeptide(L)'
_entity_poly.pdbx_seq_one_letter_code
;MALEEIRPKEVYLDRKLLTLEDKELGSGNFGTVKKGYYQMKKVVKTVAVKILKNEANDPALKDELLAEANVMQQLDNPYI
VRMIGICEAESWMLVMEMAELGPLNKYLQQNRHVKDKNIIELVHQVSMGMKYLEESNFVHRDLAARNVLLVTQHYAKISD
FGLSKALRADENYYKAQTHGKWPVKWYAPECINYYKFSSKSDVWSFGVLMWEAFSYGQKPYRGMKGSEVTAMLEKGERMG
CPAGCPREMYDLMNLCWTYDVENRPGFAAVELRLRNYYYDVVNEGHHHHHH
;
_entity_poly.pdbx_strand_id   A
#
# COMPACT_ATOMS: atom_id res chain seq x y z
N VAL A 11 18.18 16.20 2.18
CA VAL A 11 16.78 16.08 1.75
C VAL A 11 16.41 17.09 0.63
N TYR A 12 17.12 18.23 0.56
CA TYR A 12 16.82 19.25 -0.43
C TYR A 12 17.62 19.06 -1.71
N LEU A 13 16.92 18.79 -2.81
CA LEU A 13 17.51 18.53 -4.11
C LEU A 13 17.66 19.79 -4.97
N ASP A 14 18.58 19.74 -5.92
CA ASP A 14 18.92 20.81 -6.83
C ASP A 14 18.13 20.62 -8.12
N ARG A 15 17.26 21.59 -8.46
CA ARG A 15 16.44 21.53 -9.67
C ARG A 15 17.27 21.33 -10.96
N LYS A 16 18.51 21.87 -11.00
CA LYS A 16 19.40 21.74 -12.18
C LYS A 16 19.81 20.29 -12.42
N LEU A 17 19.78 19.46 -11.35
CA LEU A 17 20.16 18.04 -11.42
C LEU A 17 19.00 17.09 -11.71
N LEU A 18 17.81 17.64 -11.92
CA LEU A 18 16.59 16.92 -12.25
C LEU A 18 16.13 17.21 -13.68
N THR A 19 15.86 16.15 -14.47
CA THR A 19 15.37 16.22 -15.83
C THR A 19 14.03 15.49 -15.86
N LEU A 20 12.92 16.23 -16.07
CA LEU A 20 11.58 15.68 -16.12
C LEU A 20 11.10 15.38 -17.54
N GLU A 21 10.38 14.26 -17.70
CA GLU A 21 9.77 13.88 -18.98
C GLU A 21 8.40 14.57 -19.07
N ASP A 22 7.98 14.95 -20.29
CA ASP A 22 6.71 15.61 -20.57
C ASP A 22 5.49 14.77 -20.20
N LYS A 23 5.55 13.44 -20.45
CA LYS A 23 4.49 12.46 -20.20
C LYS A 23 4.02 12.40 -18.74
N GLU A 24 2.80 11.87 -18.51
CA GLU A 24 2.23 11.73 -17.17
C GLU A 24 1.97 10.26 -16.84
N LEU A 25 2.56 9.81 -15.72
CA LEU A 25 2.43 8.45 -15.22
C LEU A 25 1.06 8.27 -14.54
N GLY A 26 0.64 9.31 -13.79
CA GLY A 26 -0.63 9.34 -13.07
C GLY A 26 -1.08 10.76 -12.78
N THR A 32 0.27 15.60 -9.90
CA THR A 32 0.55 14.57 -10.90
C THR A 32 1.85 13.81 -10.56
N VAL A 33 2.09 12.67 -11.20
CA VAL A 33 3.32 11.87 -11.03
C VAL A 33 4.01 11.82 -12.39
N LYS A 34 5.26 12.27 -12.45
CA LYS A 34 6.02 12.28 -13.71
C LYS A 34 7.33 11.51 -13.57
N LYS A 35 7.82 10.98 -14.68
CA LYS A 35 9.12 10.32 -14.74
C LYS A 35 10.20 11.34 -14.94
N GLY A 36 11.35 11.09 -14.34
CA GLY A 36 12.50 11.94 -14.50
C GLY A 36 13.81 11.25 -14.22
N TYR A 37 14.90 12.01 -14.30
CA TYR A 37 16.23 11.50 -14.01
C TYR A 37 16.87 12.47 -13.07
N TYR A 38 17.60 11.96 -12.07
CA TYR A 38 18.30 12.81 -11.12
C TYR A 38 19.77 12.44 -11.07
N GLN A 39 20.64 13.44 -11.23
CA GLN A 39 22.07 13.22 -11.18
C GLN A 39 22.52 13.01 -9.72
N MET A 40 22.96 11.77 -9.39
CA MET A 40 23.43 11.43 -8.04
C MET A 40 24.91 11.77 -7.95
N LYS A 41 25.59 11.33 -6.85
CA LYS A 41 27.02 11.55 -6.64
C LYS A 41 27.81 11.09 -7.89
N LYS A 42 27.35 9.99 -8.55
CA LYS A 42 28.02 9.52 -9.77
C LYS A 42 27.05 9.00 -10.83
N VAL A 43 26.23 8.01 -10.44
CA VAL A 43 25.28 7.44 -11.41
C VAL A 43 24.16 8.45 -11.63
N VAL A 44 23.35 8.23 -12.66
CA VAL A 44 22.11 8.99 -12.88
C VAL A 44 21.01 8.03 -12.44
N LYS A 45 20.04 8.55 -11.68
CA LYS A 45 18.97 7.73 -11.13
C LYS A 45 17.65 8.08 -11.74
N THR A 46 16.94 7.08 -12.26
CA THR A 46 15.61 7.29 -12.78
C THR A 46 14.71 7.47 -11.56
N VAL A 47 13.82 8.48 -11.65
CA VAL A 47 12.95 8.80 -10.54
C VAL A 47 11.49 9.00 -10.94
N ALA A 48 10.60 8.89 -9.94
CA ALA A 48 9.19 9.20 -10.12
C ALA A 48 9.00 10.41 -9.25
N VAL A 49 8.37 11.46 -9.81
CA VAL A 49 8.25 12.73 -9.11
C VAL A 49 6.79 13.12 -8.94
N LYS A 50 6.40 13.35 -7.69
CA LYS A 50 5.06 13.84 -7.36
C LYS A 50 5.14 15.36 -7.45
N ILE A 51 4.35 15.94 -8.35
CA ILE A 51 4.35 17.39 -8.58
C ILE A 51 3.09 18.01 -8.01
N LEU A 52 3.26 19.02 -7.16
CA LEU A 52 2.16 19.73 -6.51
C LEU A 52 1.82 20.93 -7.39
N LYS A 53 1.04 20.69 -8.46
CA LYS A 53 0.63 21.72 -9.41
C LYS A 53 -0.54 22.53 -8.87
N ALA A 60 -2.10 24.58 2.68
CA ALA A 60 -2.56 23.27 3.13
C ALA A 60 -2.00 22.14 2.25
N LEU A 61 -2.14 22.27 0.91
CA LEU A 61 -1.65 21.29 -0.07
C LEU A 61 -0.13 21.12 0.00
N LYS A 62 0.61 22.24 0.21
CA LYS A 62 2.07 22.25 0.38
C LYS A 62 2.44 21.45 1.64
N ASP A 63 1.73 21.71 2.77
CA ASP A 63 1.94 21.04 4.06
C ASP A 63 1.72 19.53 3.95
N GLU A 64 0.72 19.12 3.15
CA GLU A 64 0.36 17.72 2.90
C GLU A 64 1.52 16.99 2.20
N LEU A 65 2.12 17.63 1.17
CA LEU A 65 3.23 16.99 0.47
C LEU A 65 4.45 16.89 1.37
N LEU A 66 4.71 17.95 2.18
CA LEU A 66 5.82 17.97 3.12
C LEU A 66 5.63 16.92 4.22
N ALA A 67 4.38 16.71 4.68
CA ALA A 67 4.10 15.70 5.71
C ALA A 67 4.36 14.28 5.14
N GLU A 68 3.99 14.05 3.85
CA GLU A 68 4.27 12.77 3.16
C GLU A 68 5.79 12.55 3.08
N ALA A 69 6.54 13.61 2.72
CA ALA A 69 7.99 13.58 2.66
C ALA A 69 8.55 13.32 4.07
N ASN A 70 7.94 13.94 5.12
CA ASN A 70 8.39 13.74 6.49
C ASN A 70 8.23 12.29 6.94
N VAL A 71 7.17 11.61 6.49
CA VAL A 71 7.01 10.20 6.81
C VAL A 71 8.06 9.38 6.06
N MET A 72 8.17 9.59 4.73
CA MET A 72 9.08 8.79 3.89
C MET A 72 10.54 8.86 4.32
N GLN A 73 10.99 10.03 4.77
CA GLN A 73 12.37 10.19 5.25
C GLN A 73 12.70 9.30 6.46
N GLN A 74 11.68 8.95 7.27
CA GLN A 74 11.88 8.12 8.45
C GLN A 74 11.86 6.62 8.16
N LEU A 75 11.55 6.24 6.91
CA LEU A 75 11.40 4.83 6.56
C LEU A 75 12.56 4.30 5.74
N ASP A 76 12.99 3.09 6.05
CA ASP A 76 14.11 2.44 5.35
C ASP A 76 13.86 0.95 5.34
N ASN A 77 13.27 0.46 4.23
CA ASN A 77 12.94 -0.95 4.10
C ASN A 77 12.89 -1.32 2.62
N PRO A 78 13.31 -2.56 2.27
CA PRO A 78 13.35 -2.94 0.84
C PRO A 78 11.99 -3.00 0.19
N TYR A 79 10.90 -3.04 0.99
CA TYR A 79 9.55 -3.13 0.43
C TYR A 79 8.73 -1.87 0.54
N ILE A 80 9.43 -0.73 0.76
CA ILE A 80 8.84 0.60 0.79
C ILE A 80 9.56 1.50 -0.18
N VAL A 81 8.80 2.26 -0.97
CA VAL A 81 9.37 3.22 -1.93
C VAL A 81 10.22 4.25 -1.18
N ARG A 82 11.48 4.40 -1.62
CA ARG A 82 12.41 5.35 -1.02
C ARG A 82 12.23 6.76 -1.58
N MET A 83 12.26 7.75 -0.69
CA MET A 83 12.25 9.13 -1.12
C MET A 83 13.73 9.55 -1.36
N ILE A 84 13.99 10.19 -2.51
CA ILE A 84 15.31 10.74 -2.82
C ILE A 84 15.40 12.11 -2.12
N GLY A 85 14.35 12.91 -2.25
CA GLY A 85 14.32 14.20 -1.57
C GLY A 85 13.19 15.03 -2.08
N ILE A 86 13.24 16.32 -1.72
CA ILE A 86 12.22 17.26 -2.13
C ILE A 86 12.88 18.42 -2.85
N CYS A 87 12.12 19.11 -3.69
CA CYS A 87 12.62 20.26 -4.42
C CYS A 87 11.51 21.28 -4.57
N GLU A 88 11.82 22.56 -4.28
CA GLU A 88 10.85 23.65 -4.45
C GLU A 88 11.29 24.46 -5.68
N ALA A 89 10.61 24.21 -6.81
CA ALA A 89 10.93 24.92 -8.06
C ALA A 89 9.63 25.48 -8.66
N GLU A 90 9.23 25.08 -9.89
CA GLU A 90 7.97 25.51 -10.53
C GLU A 90 6.84 25.24 -9.55
N SER A 91 6.91 24.08 -8.90
CA SER A 91 5.97 23.58 -7.89
C SER A 91 6.82 22.81 -6.87
N TRP A 92 6.23 22.45 -5.72
CA TRP A 92 6.92 21.59 -4.76
C TRP A 92 6.90 20.19 -5.38
N MET A 93 8.04 19.47 -5.30
CA MET A 93 8.20 18.15 -5.88
C MET A 93 8.76 17.17 -4.87
N LEU A 94 8.19 15.96 -4.86
CA LEU A 94 8.65 14.90 -4.00
C LEU A 94 9.22 13.86 -4.95
N VAL A 95 10.56 13.70 -4.87
CA VAL A 95 11.31 12.83 -5.78
C VAL A 95 11.52 11.49 -5.11
N MET A 96 11.10 10.43 -5.81
CA MET A 96 11.14 9.05 -5.30
C MET A 96 11.90 8.15 -6.23
N GLU A 97 12.35 6.98 -5.74
CA GLU A 97 12.89 5.97 -6.64
C GLU A 97 11.72 5.55 -7.59
N MET A 98 12.05 5.15 -8.82
CA MET A 98 11.03 4.78 -9.80
C MET A 98 10.72 3.29 -9.68
N ALA A 99 9.46 2.93 -9.63
CA ALA A 99 9.03 1.52 -9.66
C ALA A 99 8.49 1.39 -11.08
N GLU A 100 9.38 0.97 -12.00
CA GLU A 100 9.14 0.98 -13.44
C GLU A 100 7.85 0.38 -13.96
N LEU A 101 7.36 -0.70 -13.30
CA LEU A 101 6.16 -1.38 -13.79
C LEU A 101 4.84 -0.77 -13.31
N GLY A 102 4.93 0.19 -12.38
CA GLY A 102 3.76 0.92 -11.92
C GLY A 102 2.87 0.19 -10.95
N PRO A 103 1.66 0.72 -10.78
CA PRO A 103 0.73 0.13 -9.78
C PRO A 103 0.30 -1.30 -10.04
N LEU A 104 0.24 -2.05 -8.95
CA LEU A 104 -0.09 -3.47 -8.98
C LEU A 104 -1.46 -3.75 -9.59
N ASN A 105 -2.48 -2.94 -9.26
CA ASN A 105 -3.83 -3.22 -9.78
C ASN A 105 -3.84 -3.11 -11.29
N LYS A 106 -3.19 -2.07 -11.85
CA LYS A 106 -3.15 -1.85 -13.30
C LYS A 106 -2.29 -2.91 -13.96
N TYR A 107 -1.18 -3.30 -13.32
CA TYR A 107 -0.31 -4.35 -13.86
C TYR A 107 -1.07 -5.69 -13.97
N LEU A 108 -1.79 -6.10 -12.92
CA LEU A 108 -2.51 -7.36 -12.97
C LEU A 108 -3.67 -7.32 -13.95
N GLN A 109 -4.31 -6.16 -14.12
CA GLN A 109 -5.41 -6.01 -15.10
C GLN A 109 -4.87 -6.29 -16.52
N GLN A 110 -3.61 -5.89 -16.77
CA GLN A 110 -2.98 -6.03 -18.08
C GLN A 110 -2.16 -7.32 -18.26
N ASN A 111 -1.98 -8.12 -17.19
CA ASN A 111 -1.18 -9.34 -17.20
C ASN A 111 -1.91 -10.44 -16.45
N ARG A 112 -3.02 -10.90 -17.03
CA ARG A 112 -3.88 -11.92 -16.40
C ARG A 112 -3.24 -13.31 -16.36
N HIS A 113 -2.08 -13.48 -17.02
CA HIS A 113 -1.30 -14.72 -17.05
C HIS A 113 -0.46 -14.89 -15.77
N VAL A 114 -0.34 -13.83 -14.92
CA VAL A 114 0.49 -13.91 -13.71
C VAL A 114 0.01 -15.05 -12.83
N LYS A 115 0.93 -15.93 -12.40
CA LYS A 115 0.54 -17.13 -11.66
C LYS A 115 0.23 -16.87 -10.22
N ASP A 116 -0.59 -17.76 -9.61
CA ASP A 116 -0.91 -17.64 -8.19
C ASP A 116 0.34 -17.58 -7.31
N LYS A 117 1.40 -18.35 -7.63
CA LYS A 117 2.63 -18.34 -6.84
C LYS A 117 3.25 -16.93 -6.83
N ASN A 118 3.25 -16.29 -7.99
CA ASN A 118 3.80 -14.94 -8.19
C ASN A 118 2.95 -13.91 -7.40
N ILE A 119 1.64 -14.08 -7.39
CA ILE A 119 0.78 -13.18 -6.59
C ILE A 119 1.12 -13.32 -5.11
N ILE A 120 1.26 -14.58 -4.63
CA ILE A 120 1.59 -14.84 -3.23
C ILE A 120 2.90 -14.16 -2.88
N GLU A 121 3.91 -14.30 -3.78
CA GLU A 121 5.22 -13.69 -3.59
C GLU A 121 5.08 -12.17 -3.37
N LEU A 122 4.29 -11.51 -4.23
CA LEU A 122 4.13 -10.05 -4.18
C LEU A 122 3.36 -9.62 -2.93
N VAL A 123 2.27 -10.33 -2.57
CA VAL A 123 1.53 -9.92 -1.37
C VAL A 123 2.33 -10.21 -0.11
N HIS A 124 3.20 -11.25 -0.15
CA HIS A 124 4.07 -11.52 0.99
C HIS A 124 5.08 -10.35 1.14
N GLN A 125 5.61 -9.85 0.03
CA GLN A 125 6.53 -8.70 0.10
C GLN A 125 5.81 -7.51 0.71
N VAL A 126 4.56 -7.27 0.30
CA VAL A 126 3.80 -6.16 0.94
C VAL A 126 3.66 -6.41 2.45
N SER A 127 3.38 -7.67 2.86
CA SER A 127 3.29 -7.95 4.30
C SER A 127 4.60 -7.73 5.03
N MET A 128 5.74 -7.95 4.36
CA MET A 128 7.04 -7.66 4.99
C MET A 128 7.22 -6.15 5.18
N GLY A 129 6.83 -5.36 4.17
CA GLY A 129 6.92 -3.90 4.31
C GLY A 129 6.01 -3.41 5.43
N MET A 130 4.78 -3.97 5.51
CA MET A 130 3.80 -3.59 6.54
C MET A 130 4.24 -4.03 7.94
N LYS A 131 4.91 -5.20 8.05
CA LYS A 131 5.42 -5.67 9.36
C LYS A 131 6.44 -4.63 9.84
N TYR A 132 7.27 -4.11 8.91
CA TYR A 132 8.23 -3.07 9.23
C TYR A 132 7.53 -1.76 9.61
N LEU A 133 6.49 -1.36 8.84
CA LEU A 133 5.78 -0.12 9.17
C LEU A 133 5.14 -0.21 10.55
N GLU A 134 4.57 -1.39 10.88
CA GLU A 134 3.95 -1.64 12.19
C GLU A 134 5.02 -1.53 13.29
N GLU A 135 6.19 -2.18 13.08
CA GLU A 135 7.29 -2.13 14.06
C GLU A 135 7.73 -0.66 14.26
N SER A 136 7.63 0.16 13.21
CA SER A 136 8.03 1.56 13.20
C SER A 136 6.93 2.47 13.77
N ASN A 137 5.75 1.90 14.05
CA ASN A 137 4.65 2.68 14.58
C ASN A 137 4.15 3.79 13.69
N PHE A 138 4.05 3.45 12.38
CA PHE A 138 3.41 4.34 11.40
C PHE A 138 2.19 3.59 10.91
N VAL A 139 1.10 4.32 10.71
CA VAL A 139 -0.13 3.78 10.10
C VAL A 139 -0.18 4.31 8.67
N HIS A 140 -0.39 3.40 7.67
CA HIS A 140 -0.38 3.84 6.27
C HIS A 140 -1.66 4.62 5.90
N ARG A 141 -2.84 4.04 6.25
CA ARG A 141 -4.15 4.62 6.04
C ARG A 141 -4.62 4.70 4.61
N ASP A 142 -3.87 4.12 3.66
CA ASP A 142 -4.37 4.07 2.27
C ASP A 142 -3.79 2.84 1.57
N LEU A 143 -3.75 1.71 2.27
CA LEU A 143 -3.12 0.51 1.74
C LEU A 143 -4.10 -0.17 0.80
N ALA A 144 -3.80 -0.15 -0.45
CA ALA A 144 -4.69 -0.64 -1.51
C ALA A 144 -3.77 -1.04 -2.65
N ALA A 145 -4.25 -1.89 -3.55
CA ALA A 145 -3.37 -2.34 -4.64
C ALA A 145 -2.87 -1.21 -5.53
N ARG A 146 -3.62 -0.08 -5.65
CA ARG A 146 -3.14 1.05 -6.45
C ARG A 146 -1.89 1.69 -5.83
N ASN A 147 -1.65 1.41 -4.51
CA ASN A 147 -0.52 1.95 -3.76
C ASN A 147 0.57 0.95 -3.48
N VAL A 148 0.59 -0.14 -4.27
CA VAL A 148 1.69 -1.10 -4.29
C VAL A 148 2.25 -0.97 -5.71
N LEU A 149 3.55 -0.72 -5.80
CA LEU A 149 4.18 -0.47 -7.08
C LEU A 149 5.16 -1.58 -7.38
N LEU A 150 5.28 -1.90 -8.65
CA LEU A 150 6.18 -3.00 -9.00
C LEU A 150 7.52 -2.52 -9.61
N VAL A 151 8.62 -2.93 -8.98
CA VAL A 151 9.98 -2.67 -9.46
C VAL A 151 10.22 -3.65 -10.60
N THR A 152 9.82 -4.93 -10.38
CA THR A 152 9.84 -5.96 -11.42
C THR A 152 8.59 -6.80 -11.17
N GLN A 153 8.34 -7.81 -12.01
CA GLN A 153 7.22 -8.71 -11.81
C GLN A 153 7.33 -9.50 -10.50
N HIS A 154 8.52 -9.53 -9.85
CA HIS A 154 8.78 -10.27 -8.62
C HIS A 154 9.25 -9.36 -7.50
N TYR A 155 8.95 -8.05 -7.57
CA TYR A 155 9.40 -7.15 -6.51
C TYR A 155 8.43 -5.98 -6.35
N ALA A 156 7.64 -6.03 -5.26
CA ALA A 156 6.66 -5.00 -4.92
C ALA A 156 7.19 -4.08 -3.82
N LYS A 157 6.76 -2.81 -3.88
CA LYS A 157 7.08 -1.81 -2.85
C LYS A 157 5.81 -1.03 -2.56
N ILE A 158 5.63 -0.68 -1.28
CA ILE A 158 4.48 0.13 -0.88
C ILE A 158 4.81 1.62 -1.10
N SER A 159 3.83 2.38 -1.59
CA SER A 159 4.02 3.79 -1.88
C SER A 159 2.86 4.58 -1.26
N ASP A 160 2.84 5.90 -1.56
CA ASP A 160 1.72 6.79 -1.31
C ASP A 160 1.38 6.92 0.15
N PHE A 161 2.26 7.65 0.83
CA PHE A 161 2.17 7.90 2.27
C PHE A 161 1.48 9.24 2.65
N GLY A 162 0.69 9.80 1.71
CA GLY A 162 -0.01 11.07 1.93
C GLY A 162 -1.00 11.08 3.06
N LEU A 163 -1.57 9.92 3.41
CA LEU A 163 -2.55 9.85 4.52
C LEU A 163 -1.88 9.25 5.79
N SER A 164 -0.61 8.88 5.71
CA SER A 164 0.07 8.18 6.78
C SER A 164 0.32 9.02 8.01
N LYS A 165 0.40 8.36 9.16
CA LYS A 165 0.62 9.05 10.43
C LYS A 165 1.60 8.33 11.30
N ALA A 166 2.49 9.11 11.98
CA ALA A 166 3.41 8.57 12.97
C ALA A 166 2.59 8.50 14.29
N LEU A 167 2.48 7.31 14.85
CA LEU A 167 1.71 7.17 16.09
C LEU A 167 2.40 7.87 17.24
N ARG A 168 1.58 8.43 18.15
CA ARG A 168 2.13 9.02 19.38
C ARG A 168 2.80 7.95 20.22
N ALA A 169 3.80 8.36 21.05
CA ALA A 169 4.54 7.38 21.85
C ALA A 169 3.64 6.65 22.86
N ASP A 170 2.49 7.25 23.21
CA ASP A 170 1.63 6.66 24.23
C ASP A 170 0.37 5.96 23.70
N GLU A 171 0.18 5.93 22.38
CA GLU A 171 -1.04 5.33 21.83
C GLU A 171 -0.72 4.42 20.68
N ASN A 172 -1.60 3.41 20.41
CA ASN A 172 -1.38 2.53 19.26
C ASN A 172 -2.37 2.85 18.13
N TYR A 173 -3.03 4.01 18.20
CA TYR A 173 -3.92 4.44 17.14
C TYR A 173 -3.88 5.93 16.93
N TYR A 174 -4.30 6.36 15.74
CA TYR A 174 -4.48 7.75 15.34
C TYR A 174 -5.98 8.01 15.28
N LYS A 175 -6.43 9.10 15.91
CA LYS A 175 -7.83 9.48 15.92
C LYS A 175 -8.03 10.61 14.92
N ALA A 176 -8.76 10.35 13.84
CA ALA A 176 -9.04 11.39 12.86
C ALA A 176 -10.11 12.32 13.45
N GLN A 177 -10.03 13.62 13.15
CA GLN A 177 -10.96 14.61 13.74
C GLN A 177 -12.31 14.61 13.03
N THR A 178 -12.29 14.54 11.67
CA THR A 178 -13.48 14.53 10.81
C THR A 178 -13.34 13.49 9.70
N HIS A 179 -14.49 12.89 9.28
CA HIS A 179 -14.57 11.90 8.20
C HIS A 179 -14.38 12.65 6.88
N GLY A 180 -13.18 12.56 6.31
CA GLY A 180 -12.83 13.25 5.06
C GLY A 180 -13.13 12.45 3.81
N LYS A 181 -12.34 12.73 2.74
CA LYS A 181 -12.47 12.03 1.44
C LYS A 181 -11.69 10.72 1.63
N TRP A 182 -12.39 9.71 2.19
CA TRP A 182 -11.80 8.44 2.58
C TRP A 182 -12.00 7.26 1.64
N PRO A 183 -10.98 6.39 1.51
CA PRO A 183 -11.16 5.16 0.68
C PRO A 183 -11.90 4.10 1.50
N VAL A 184 -13.20 4.35 1.78
CA VAL A 184 -14.09 3.55 2.62
C VAL A 184 -14.04 2.04 2.38
N LYS A 185 -13.95 1.63 1.11
CA LYS A 185 -13.96 0.20 0.78
C LYS A 185 -12.75 -0.54 1.32
N TRP A 186 -11.68 0.22 1.71
CA TRP A 186 -10.50 -0.41 2.29
C TRP A 186 -10.42 -0.21 3.80
N TYR A 187 -11.44 0.44 4.38
CA TYR A 187 -11.41 0.79 5.82
C TYR A 187 -12.09 -0.20 6.75
N ALA A 188 -11.44 -0.45 7.89
CA ALA A 188 -11.97 -1.34 8.91
C ALA A 188 -13.17 -0.68 9.59
N PRO A 189 -14.07 -1.50 10.19
CA PRO A 189 -15.27 -0.92 10.85
C PRO A 189 -14.93 0.14 11.90
N GLU A 190 -13.84 -0.04 12.69
CA GLU A 190 -13.49 0.96 13.72
C GLU A 190 -13.06 2.29 13.09
N CYS A 191 -12.56 2.26 11.83
CA CYS A 191 -12.19 3.52 11.16
C CYS A 191 -13.45 4.28 10.90
N ILE A 192 -14.48 3.58 10.40
CA ILE A 192 -15.76 4.18 10.09
C ILE A 192 -16.56 4.56 11.35
N ASN A 193 -16.61 3.67 12.36
CA ASN A 193 -17.44 3.84 13.57
C ASN A 193 -16.83 4.68 14.67
N TYR A 194 -15.50 4.71 14.77
CA TYR A 194 -14.82 5.41 15.86
C TYR A 194 -13.70 6.34 15.38
N TYR A 195 -13.44 6.41 14.05
CA TYR A 195 -12.36 7.22 13.45
C TYR A 195 -10.97 6.84 13.99
N LYS A 196 -10.77 5.56 14.37
CA LYS A 196 -9.53 5.09 14.96
C LYS A 196 -8.73 4.29 13.93
N PHE A 197 -7.48 4.70 13.69
CA PHE A 197 -6.58 4.07 12.71
C PHE A 197 -5.37 3.49 13.40
N SER A 198 -5.11 2.22 13.20
CA SER A 198 -4.01 1.53 13.85
C SER A 198 -3.36 0.59 12.85
N SER A 199 -2.29 -0.08 13.25
CA SER A 199 -1.71 -1.07 12.35
C SER A 199 -2.74 -2.17 12.07
N LYS A 200 -3.64 -2.47 13.03
CA LYS A 200 -4.69 -3.46 12.77
C LYS A 200 -5.69 -2.98 11.72
N SER A 201 -5.97 -1.65 11.60
CA SER A 201 -6.88 -1.20 10.53
CA SER A 201 -6.86 -1.12 10.55
C SER A 201 -6.12 -1.33 9.20
N ASP A 202 -4.77 -1.16 9.21
CA ASP A 202 -4.01 -1.41 7.97
C ASP A 202 -4.10 -2.90 7.61
N VAL A 203 -4.16 -3.81 8.60
CA VAL A 203 -4.32 -5.25 8.32
C VAL A 203 -5.66 -5.49 7.59
N TRP A 204 -6.75 -4.82 8.02
CA TRP A 204 -8.02 -4.98 7.34
C TRP A 204 -7.84 -4.56 5.87
N SER A 205 -7.20 -3.38 5.64
CA SER A 205 -6.96 -2.90 4.26
C SER A 205 -6.11 -3.90 3.47
N PHE A 206 -5.11 -4.52 4.13
CA PHE A 206 -4.27 -5.54 3.50
C PHE A 206 -5.14 -6.73 3.04
N GLY A 207 -6.18 -7.08 3.78
CA GLY A 207 -7.06 -8.16 3.32
C GLY A 207 -7.76 -7.78 2.02
N VAL A 208 -8.21 -6.49 1.93
CA VAL A 208 -8.84 -6.02 0.72
C VAL A 208 -7.79 -6.03 -0.42
N LEU A 209 -6.55 -5.56 -0.14
CA LEU A 209 -5.48 -5.58 -1.16
C LEU A 209 -5.26 -7.03 -1.67
N MET A 210 -5.26 -8.02 -0.76
CA MET A 210 -5.09 -9.42 -1.17
C MET A 210 -6.22 -9.81 -2.12
N TRP A 211 -7.46 -9.48 -1.75
CA TRP A 211 -8.59 -9.77 -2.61
C TRP A 211 -8.39 -9.12 -4.01
N GLU A 212 -7.92 -7.86 -4.04
CA GLU A 212 -7.71 -7.17 -5.31
C GLU A 212 -6.63 -7.92 -6.12
N ALA A 213 -5.55 -8.34 -5.43
CA ALA A 213 -4.44 -8.99 -6.13
C ALA A 213 -4.86 -10.31 -6.73
N PHE A 214 -5.59 -11.13 -5.96
CA PHE A 214 -6.04 -12.42 -6.46
C PHE A 214 -7.18 -12.26 -7.45
N SER A 215 -7.80 -11.05 -7.54
CA SER A 215 -8.82 -10.75 -8.52
C SER A 215 -8.26 -10.01 -9.72
N TYR A 216 -6.92 -10.03 -9.87
CA TYR A 216 -6.26 -9.35 -10.99
C TYR A 216 -6.64 -7.89 -11.17
N GLY A 217 -6.64 -7.19 -10.04
CA GLY A 217 -6.83 -5.75 -10.05
C GLY A 217 -8.23 -5.26 -10.22
N GLN A 218 -9.22 -6.14 -10.03
CA GLN A 218 -10.63 -5.72 -10.06
C GLN A 218 -10.88 -4.87 -8.80
N LYS A 219 -11.82 -3.93 -8.89
CA LYS A 219 -12.19 -3.11 -7.73
C LYS A 219 -12.99 -3.96 -6.72
N PRO A 220 -12.80 -3.74 -5.40
CA PRO A 220 -13.56 -4.51 -4.41
C PRO A 220 -14.98 -4.00 -4.28
N TYR A 221 -15.89 -4.84 -3.76
CA TYR A 221 -17.29 -4.47 -3.50
C TYR A 221 -17.94 -3.85 -4.74
N ARG A 222 -17.78 -4.54 -5.90
CA ARG A 222 -18.31 -4.08 -7.17
C ARG A 222 -19.77 -3.66 -7.08
N GLY A 223 -20.06 -2.49 -7.61
CA GLY A 223 -21.42 -1.97 -7.72
C GLY A 223 -22.07 -1.51 -6.43
N MET A 224 -21.30 -1.40 -5.34
CA MET A 224 -21.82 -1.03 -4.03
C MET A 224 -21.37 0.33 -3.61
N LYS A 225 -22.26 1.08 -2.93
CA LYS A 225 -21.89 2.39 -2.40
C LYS A 225 -21.16 2.11 -1.07
N GLY A 226 -20.40 3.09 -0.59
CA GLY A 226 -19.72 2.97 0.71
C GLY A 226 -20.66 2.57 1.84
N SER A 227 -21.87 3.21 1.93
CA SER A 227 -22.87 2.89 2.97
C SER A 227 -23.36 1.45 2.89
N GLU A 228 -23.44 0.89 1.66
CA GLU A 228 -23.89 -0.48 1.44
C GLU A 228 -22.79 -1.46 1.89
N VAL A 229 -21.52 -1.09 1.69
CA VAL A 229 -20.38 -1.89 2.14
C VAL A 229 -20.39 -1.93 3.69
N THR A 230 -20.54 -0.76 4.35
CA THR A 230 -20.58 -0.72 5.80
C THR A 230 -21.71 -1.61 6.31
N ALA A 231 -22.88 -1.52 5.68
CA ALA A 231 -24.03 -2.35 6.06
C ALA A 231 -23.77 -3.86 5.89
N MET A 232 -23.14 -4.24 4.77
CA MET A 232 -22.78 -5.62 4.47
C MET A 232 -21.85 -6.16 5.52
N LEU A 233 -20.79 -5.39 5.87
CA LEU A 233 -19.82 -5.86 6.85
C LEU A 233 -20.42 -5.97 8.24
N GLU A 234 -21.35 -5.04 8.59
CA GLU A 234 -22.02 -5.08 9.89
C GLU A 234 -22.91 -6.34 10.01
N LYS A 235 -23.45 -6.85 8.88
CA LYS A 235 -24.23 -8.11 8.79
C LYS A 235 -23.29 -9.35 8.88
N GLY A 236 -21.96 -9.16 9.03
CA GLY A 236 -20.98 -10.25 9.10
C GLY A 236 -20.65 -10.85 7.73
N GLU A 237 -21.11 -10.21 6.65
CA GLU A 237 -20.89 -10.66 5.27
C GLU A 237 -19.56 -10.15 4.74
N ARG A 238 -18.90 -10.97 3.89
CA ARG A 238 -17.59 -10.64 3.32
C ARG A 238 -17.57 -11.03 1.87
N MET A 239 -16.70 -10.36 1.06
CA MET A 239 -16.51 -10.73 -0.34
C MET A 239 -16.13 -12.20 -0.44
N GLY A 240 -16.62 -12.81 -1.50
CA GLY A 240 -16.37 -14.21 -1.82
C GLY A 240 -14.94 -14.45 -2.30
N CYS A 241 -14.58 -15.72 -2.40
CA CYS A 241 -13.25 -16.12 -2.85
C CYS A 241 -13.03 -15.81 -4.32
N PRO A 242 -11.97 -15.08 -4.73
CA PRO A 242 -11.74 -14.86 -6.18
C PRO A 242 -11.47 -16.18 -6.90
N ALA A 243 -11.86 -16.26 -8.18
CA ALA A 243 -11.60 -17.43 -9.03
C ALA A 243 -10.12 -17.77 -9.00
N GLY A 244 -9.81 -19.03 -8.71
CA GLY A 244 -8.44 -19.53 -8.70
C GLY A 244 -7.61 -19.17 -7.50
N CYS A 245 -8.22 -18.47 -6.54
CA CYS A 245 -7.51 -18.08 -5.35
C CYS A 245 -7.40 -19.28 -4.41
N PRO A 246 -6.17 -19.60 -3.95
CA PRO A 246 -6.03 -20.70 -2.98
C PRO A 246 -6.86 -20.49 -1.73
N ARG A 247 -7.47 -21.55 -1.21
CA ARG A 247 -8.28 -21.44 -0.02
C ARG A 247 -7.52 -20.85 1.18
N GLU A 248 -6.23 -21.18 1.33
CA GLU A 248 -5.39 -20.69 2.41
C GLU A 248 -5.28 -19.15 2.32
N MET A 249 -5.25 -18.61 1.09
CA MET A 249 -5.17 -17.15 0.92
C MET A 249 -6.50 -16.49 1.20
N TYR A 250 -7.62 -17.15 0.82
CA TYR A 250 -8.92 -16.59 1.15
C TYR A 250 -9.16 -16.64 2.66
N ASP A 251 -8.71 -17.74 3.33
CA ASP A 251 -8.84 -17.82 4.78
C ASP A 251 -8.06 -16.68 5.44
N LEU A 252 -6.89 -16.35 4.89
CA LEU A 252 -6.10 -15.26 5.47
C LEU A 252 -6.79 -13.90 5.23
N MET A 253 -7.42 -13.69 4.04
CA MET A 253 -8.18 -12.45 3.80
C MET A 253 -9.27 -12.35 4.84
N ASN A 254 -10.01 -13.48 5.11
CA ASN A 254 -11.09 -13.45 6.10
C ASN A 254 -10.58 -13.13 7.51
N LEU A 255 -9.38 -13.62 7.84
CA LEU A 255 -8.78 -13.35 9.16
C LEU A 255 -8.45 -11.84 9.24
N CYS A 256 -7.95 -11.24 8.13
CA CYS A 256 -7.68 -9.80 8.14
C CYS A 256 -8.97 -9.05 8.36
N TRP A 257 -10.11 -9.60 7.90
CA TRP A 257 -11.40 -8.95 8.02
C TRP A 257 -12.13 -9.32 9.30
N THR A 258 -11.36 -9.52 10.38
CA THR A 258 -11.94 -9.80 11.70
C THR A 258 -12.54 -8.47 12.16
N TYR A 259 -13.83 -8.47 12.49
CA TYR A 259 -14.53 -7.26 12.89
C TYR A 259 -13.92 -6.59 14.11
N ASP A 260 -13.70 -7.37 15.17
CA ASP A 260 -13.14 -6.80 16.40
C ASP A 260 -11.64 -6.65 16.29
N VAL A 261 -11.20 -5.42 16.52
CA VAL A 261 -9.77 -5.04 16.46
C VAL A 261 -8.87 -5.88 17.33
N GLU A 262 -9.26 -6.17 18.60
CA GLU A 262 -8.39 -6.95 19.49
C GLU A 262 -8.08 -8.36 18.98
N ASN A 263 -9.07 -8.99 18.32
CA ASN A 263 -8.89 -10.34 17.81
C ASN A 263 -8.34 -10.41 16.40
N ARG A 264 -8.22 -9.26 15.72
CA ARG A 264 -7.68 -9.25 14.36
C ARG A 264 -6.17 -9.43 14.47
N PRO A 265 -5.52 -10.18 13.59
CA PRO A 265 -4.06 -10.32 13.69
C PRO A 265 -3.31 -9.02 13.35
N GLY A 266 -2.09 -8.89 13.87
CA GLY A 266 -1.18 -7.83 13.48
C GLY A 266 -0.36 -8.31 12.30
N PHE A 267 0.51 -7.44 11.75
CA PHE A 267 1.33 -7.84 10.60
C PHE A 267 2.39 -8.91 10.85
N ALA A 268 2.88 -9.03 12.09
CA ALA A 268 3.82 -10.13 12.34
C ALA A 268 3.12 -11.48 12.08
N ALA A 269 1.87 -11.66 12.60
CA ALA A 269 1.16 -12.92 12.38
C ALA A 269 0.77 -13.10 10.91
N VAL A 270 0.37 -11.99 10.24
CA VAL A 270 0.02 -12.08 8.80
C VAL A 270 1.21 -12.44 7.94
N GLU A 271 2.35 -11.74 8.14
CA GLU A 271 3.55 -12.01 7.37
C GLU A 271 4.02 -13.47 7.58
N LEU A 272 3.95 -13.98 8.83
CA LEU A 272 4.38 -15.37 9.10
C LEU A 272 3.53 -16.38 8.32
N ARG A 273 2.20 -16.18 8.31
CA ARG A 273 1.26 -17.06 7.58
C ARG A 273 1.57 -17.07 6.09
N LEU A 274 1.76 -15.87 5.50
CA LEU A 274 2.10 -15.76 4.09
C LEU A 274 3.47 -16.37 3.78
N ARG A 275 4.44 -16.16 4.67
CA ARG A 275 5.80 -16.65 4.47
C ARG A 275 5.79 -18.19 4.37
N ASN A 276 5.13 -18.85 5.34
CA ASN A 276 5.03 -20.32 5.39
C ASN A 276 4.24 -20.86 4.23
N TYR A 277 3.16 -20.15 3.81
CA TYR A 277 2.40 -20.62 2.67
C TYR A 277 3.21 -20.49 1.41
N TYR A 278 3.93 -19.37 1.26
CA TYR A 278 4.74 -19.17 0.08
C TYR A 278 5.81 -20.28 -0.02
N TYR A 279 6.43 -20.66 1.12
CA TYR A 279 7.42 -21.77 1.07
C TYR A 279 6.78 -23.10 0.65
N ASP A 280 5.53 -23.35 1.07
CA ASP A 280 4.78 -24.57 0.68
C ASP A 280 4.56 -24.62 -0.84
N VAL A 281 4.15 -23.47 -1.43
CA VAL A 281 3.90 -23.39 -2.87
C VAL A 281 5.23 -23.50 -3.64
N VAL A 282 6.34 -22.93 -3.11
CA VAL A 282 7.65 -23.03 -3.75
C VAL A 282 8.04 -24.53 -3.79
N ASN A 283 7.83 -25.24 -2.66
CA ASN A 283 8.11 -26.70 -2.54
C ASN A 283 7.28 -27.51 -3.53
N GLU A 284 5.97 -27.19 -3.65
CA GLU A 284 5.07 -27.85 -4.61
C GLU A 284 5.55 -27.63 -6.05
N GLY A 285 6.09 -26.43 -6.31
CA GLY A 285 6.66 -26.04 -7.61
C GLY A 285 7.87 -26.87 -7.98
N HIS A 286 8.77 -27.13 -7.00
CA HIS A 286 9.97 -27.94 -7.22
C HIS A 286 9.61 -29.43 -7.43
N HIS A 287 8.45 -29.86 -6.92
CA HIS A 287 7.95 -31.23 -7.06
C HIS A 287 7.17 -31.35 -8.36
#